data_8BRG
#
_entry.id   8BRG
#
_cell.length_a   129.510
_cell.length_b   129.510
_cell.length_c   77.190
_cell.angle_alpha   90.000
_cell.angle_beta   90.000
_cell.angle_gamma   120.000
#
_symmetry.space_group_name_H-M   'P 31 2 1'
#
loop_
_entity.id
_entity.type
_entity.pdbx_description
1 polymer KLLA0E16699p
2 water water
#
_entity_poly.entity_id   1
_entity_poly.type   'polypeptide(L)'
_entity_poly.pdbx_seq_one_letter_code
;MNKVWDRIVGSDSADAQSVLKERCSSPKDVTDLLHVIQNWTSEIHNNGEETRCWKCVPMLAGYVKDWGQLEFLCRRILLR
SSIQEIRPLLLVTMKSLMSNHSDNTEQKCGNILQQLLIEAEEDSGNVSLRLLVDAMSLVFPICLGVCRDMFLSTDFQDIL
TRNLNSSADDEHLVNGALRLLAVSCIDEAVRRFIAEHYLKTLQQSFKVEKYKVLTALVLIKIWSFTKIEKETLNSCINLF
IDSLSNGENIEINTEALAYLTLKPSVRVLLRGNGDVCLKIIELIKSQDTTPTDLYGLLIILANVSEHPSQNEDTVDKLKA
SLKTNQEKNDEPTLENVKDIEEFNRDYIIDLDLIGSLKSIKLSTSSYNQAIRIIYNVTRDKTQISECVKQGAGLMLLVFL
AQKRNLSKDEWYLLSIRALSKTLIYVNPETAFSKYSPLSAAPFLFENLPLPNDNALSELQFTQLDTYEALLALTNLATIN
QGVDLGKIILSNAQYWDSIENLLLDSSVRIQRSTLELISNLMSNPMAISAKFFCFENPKSAQNFEILVKLLELHDIQSQR
AVAAIFANIASTVPFICKELSEKRNLIETAIRVFKTQNTDTDLRIRLLVLLSSIFNANAHAVACVKNDEEFVKELQKYRN
TPSQKDPLTPELSKEILSLINLEHHHHHH
;
_entity_poly.pdbx_strand_id   A
#
# COMPACT_ATOMS: atom_id res chain seq x y z
N MET A 1 -43.92 -25.56 17.35
CA MET A 1 -43.05 -24.47 16.92
C MET A 1 -43.44 -24.01 15.52
N ASN A 2 -44.65 -23.50 15.40
CA ASN A 2 -45.19 -23.14 14.09
C ASN A 2 -45.07 -21.64 13.86
N LYS A 3 -45.79 -20.84 14.66
CA LYS A 3 -45.87 -19.39 14.46
C LYS A 3 -44.50 -18.73 14.41
N VAL A 4 -43.49 -19.33 15.01
CA VAL A 4 -42.13 -18.80 14.96
C VAL A 4 -41.66 -18.67 13.52
N TRP A 5 -41.94 -19.69 12.71
CA TRP A 5 -41.55 -19.64 11.31
C TRP A 5 -42.29 -18.52 10.60
N ASP A 6 -43.60 -18.37 10.87
CA ASP A 6 -44.35 -17.30 10.23
C ASP A 6 -43.81 -15.92 10.58
N ARG A 7 -43.47 -15.70 11.85
CA ARG A 7 -42.85 -14.41 12.20
C ARG A 7 -41.42 -14.31 11.69
N ILE A 8 -40.75 -15.43 11.41
CA ILE A 8 -39.40 -15.39 10.87
C ILE A 8 -39.41 -15.01 9.39
N VAL A 9 -40.30 -15.61 8.62
CA VAL A 9 -40.35 -15.37 7.18
C VAL A 9 -41.46 -14.36 6.83
N GLY A 10 -42.02 -13.66 7.82
CA GLY A 10 -43.15 -12.79 7.57
C GLY A 10 -42.79 -11.41 7.05
N SER A 11 -41.68 -10.86 7.54
CA SER A 11 -41.22 -9.54 7.14
C SER A 11 -39.77 -9.39 7.60
N ASP A 12 -39.07 -8.43 6.99
CA ASP A 12 -37.67 -8.21 7.30
C ASP A 12 -37.45 -7.58 8.67
N SER A 13 -38.51 -7.05 9.30
CA SER A 13 -38.39 -6.44 10.62
C SER A 13 -37.91 -7.45 11.65
N ALA A 14 -38.65 -8.55 11.80
CA ALA A 14 -38.23 -9.61 12.70
C ALA A 14 -36.92 -10.21 12.24
N ASP A 15 -36.14 -10.71 13.19
CA ASP A 15 -34.90 -11.41 12.91
C ASP A 15 -34.95 -12.82 13.49
N ALA A 16 -34.18 -13.73 12.88
CA ALA A 16 -34.12 -15.10 13.35
C ALA A 16 -33.25 -15.21 14.59
N GLN A 17 -32.00 -14.74 14.49
CA GLN A 17 -31.13 -14.64 15.65
C GLN A 17 -31.84 -13.96 16.81
N SER A 18 -32.83 -13.12 16.51
CA SER A 18 -33.69 -12.55 17.55
C SER A 18 -34.50 -13.64 18.25
N VAL A 19 -35.40 -14.31 17.52
CA VAL A 19 -36.34 -15.26 18.11
C VAL A 19 -35.65 -16.57 18.45
N LEU A 20 -34.32 -16.58 18.31
CA LEU A 20 -33.55 -17.72 18.80
C LEU A 20 -33.73 -17.92 20.30
N LYS A 21 -34.06 -16.85 21.04
CA LYS A 21 -34.35 -17.00 22.46
C LYS A 21 -35.66 -17.77 22.67
N GLU A 22 -36.67 -17.48 21.85
CA GLU A 22 -37.91 -18.26 21.91
C GLU A 22 -37.72 -19.70 21.43
N ARG A 23 -36.68 -20.00 20.66
CA ARG A 23 -36.48 -21.42 20.33
C ARG A 23 -36.13 -22.27 21.54
N CYS A 24 -34.83 -22.52 21.73
CA CYS A 24 -34.30 -23.36 22.81
C CYS A 24 -34.88 -24.76 22.64
N SER A 25 -35.62 -25.30 23.62
CA SER A 25 -36.36 -26.56 23.58
C SER A 25 -35.80 -27.62 22.63
N SER A 26 -34.50 -27.93 22.76
CA SER A 26 -33.76 -28.86 21.90
C SER A 26 -34.52 -30.16 21.61
N PRO A 27 -35.20 -30.78 22.58
CA PRO A 27 -36.01 -31.95 22.22
C PRO A 27 -37.15 -31.63 21.27
N LYS A 28 -37.75 -30.46 21.38
CA LYS A 28 -38.94 -30.14 20.59
C LYS A 28 -38.71 -29.01 19.60
N ASP A 29 -38.17 -27.88 20.04
CA ASP A 29 -37.96 -26.74 19.14
C ASP A 29 -37.28 -27.12 17.83
N VAL A 30 -36.10 -27.74 17.89
CA VAL A 30 -35.37 -28.04 16.66
C VAL A 30 -36.16 -29.04 15.80
N THR A 31 -36.69 -30.10 16.42
CA THR A 31 -37.42 -31.12 15.66
C THR A 31 -38.70 -30.54 15.05
N ASP A 32 -39.54 -29.91 15.89
CA ASP A 32 -40.79 -29.33 15.41
C ASP A 32 -40.54 -28.28 14.33
N LEU A 33 -39.57 -27.39 14.57
CA LEU A 33 -39.26 -26.36 13.59
C LEU A 33 -38.80 -26.98 12.28
N LEU A 34 -38.04 -28.09 12.35
CA LEU A 34 -37.60 -28.75 11.12
C LEU A 34 -38.76 -29.35 10.35
N HIS A 35 -39.79 -29.85 11.07
CA HIS A 35 -40.99 -30.30 10.37
C HIS A 35 -41.71 -29.14 9.69
N VAL A 36 -41.77 -27.98 10.37
CA VAL A 36 -42.36 -26.80 9.74
C VAL A 36 -41.59 -26.40 8.49
N ILE A 37 -40.26 -26.37 8.58
CA ILE A 37 -39.42 -26.07 7.42
C ILE A 37 -39.73 -27.02 6.28
N GLN A 38 -39.74 -28.33 6.57
CA GLN A 38 -39.96 -29.33 5.53
C GLN A 38 -41.29 -29.12 4.82
N ASN A 39 -42.35 -28.85 5.58
CA ASN A 39 -43.61 -28.60 4.88
C ASN A 39 -43.57 -27.26 4.14
N TRP A 40 -42.77 -26.31 4.62
CA TRP A 40 -42.80 -24.96 4.07
C TRP A 40 -41.92 -24.84 2.83
N THR A 41 -40.70 -25.38 2.89
CA THR A 41 -39.82 -25.45 1.74
C THR A 41 -40.28 -26.43 0.68
N SER A 42 -41.41 -27.12 0.90
CA SER A 42 -41.98 -27.93 -0.15
C SER A 42 -42.44 -27.10 -1.33
N GLU A 43 -42.61 -25.79 -1.15
CA GLU A 43 -42.93 -24.91 -2.26
C GLU A 43 -41.89 -23.80 -2.36
N ILE A 44 -41.96 -23.04 -3.45
CA ILE A 44 -41.12 -21.87 -3.66
C ILE A 44 -41.93 -20.63 -3.28
N HIS A 45 -41.47 -19.92 -2.28
CA HIS A 45 -42.06 -18.64 -1.90
C HIS A 45 -41.24 -17.51 -2.53
N ASN A 46 -41.71 -16.27 -2.36
CA ASN A 46 -41.06 -15.13 -2.97
C ASN A 46 -39.67 -14.93 -2.39
N ASN A 47 -38.92 -14.02 -3.01
CA ASN A 47 -37.50 -13.87 -2.67
C ASN A 47 -37.29 -13.41 -1.24
N GLY A 48 -38.22 -12.63 -0.68
CA GLY A 48 -38.07 -12.17 0.69
C GLY A 48 -38.20 -13.29 1.71
N GLU A 49 -39.31 -14.02 1.62
CA GLU A 49 -39.49 -15.17 2.51
C GLU A 49 -38.34 -16.17 2.37
N GLU A 50 -37.92 -16.44 1.12
CA GLU A 50 -36.86 -17.42 0.91
C GLU A 50 -35.54 -16.93 1.48
N THR A 51 -35.27 -15.63 1.32
CA THR A 51 -34.04 -15.08 1.87
C THR A 51 -34.01 -15.19 3.39
N ARG A 52 -35.13 -14.83 4.04
CA ARG A 52 -35.23 -15.07 5.48
C ARG A 52 -34.97 -16.54 5.82
N CYS A 53 -35.60 -17.45 5.06
CA CYS A 53 -35.51 -18.87 5.38
C CYS A 53 -34.07 -19.37 5.30
N TRP A 54 -33.38 -19.08 4.21
CA TRP A 54 -32.04 -19.65 4.06
C TRP A 54 -30.99 -18.81 4.78
N LYS A 55 -31.34 -17.61 5.25
CA LYS A 55 -30.48 -16.94 6.21
C LYS A 55 -30.58 -17.60 7.58
N CYS A 56 -31.77 -18.10 7.93
CA CYS A 56 -31.99 -18.66 9.26
C CYS A 56 -31.60 -20.14 9.36
N VAL A 57 -31.89 -20.93 8.32
CA VAL A 57 -31.69 -22.38 8.43
C VAL A 57 -30.27 -22.75 8.83
N PRO A 58 -29.21 -22.14 8.30
CA PRO A 58 -27.85 -22.55 8.70
C PRO A 58 -27.62 -22.68 10.20
N MET A 59 -28.18 -21.77 11.01
CA MET A 59 -28.02 -21.85 12.46
C MET A 59 -28.55 -23.17 12.99
N LEU A 60 -29.88 -23.36 12.84
CA LEU A 60 -30.52 -24.61 13.24
C LEU A 60 -29.74 -25.81 12.72
N ALA A 61 -29.38 -25.76 11.43
CA ALA A 61 -28.65 -26.85 10.79
C ALA A 61 -27.36 -27.15 11.53
N GLY A 62 -26.53 -26.13 11.75
CA GLY A 62 -25.33 -26.31 12.53
C GLY A 62 -25.59 -26.96 13.87
N TYR A 63 -26.75 -26.68 14.48
CA TYR A 63 -27.02 -27.30 15.78
C TYR A 63 -27.45 -28.76 15.66
N VAL A 64 -28.56 -29.03 14.93
CA VAL A 64 -29.16 -30.36 14.98
C VAL A 64 -28.15 -31.44 14.65
N LYS A 65 -28.02 -32.41 15.53
CA LYS A 65 -27.01 -33.45 15.42
C LYS A 65 -27.58 -34.77 14.90
N ASP A 66 -28.90 -34.87 14.79
CA ASP A 66 -29.57 -36.06 14.27
C ASP A 66 -29.73 -35.90 12.76
N TRP A 67 -28.94 -36.67 11.99
CA TRP A 67 -28.82 -36.42 10.55
C TRP A 67 -30.17 -36.60 9.83
N GLY A 68 -30.94 -37.61 10.21
CA GLY A 68 -32.26 -37.81 9.63
C GLY A 68 -33.25 -36.69 9.86
N GLN A 69 -32.86 -35.61 10.53
CA GLN A 69 -33.67 -34.41 10.62
C GLN A 69 -33.29 -33.37 9.58
N LEU A 70 -32.18 -33.59 8.87
CA LEU A 70 -31.65 -32.65 7.90
C LEU A 70 -31.59 -33.26 6.49
N GLU A 71 -32.22 -34.41 6.29
CA GLU A 71 -32.23 -35.07 4.98
C GLU A 71 -32.89 -34.18 3.93
N PHE A 72 -34.19 -33.91 4.09
CA PHE A 72 -34.95 -33.13 3.12
C PHE A 72 -34.25 -31.86 2.68
N LEU A 73 -33.33 -31.33 3.50
CA LEU A 73 -32.70 -30.06 3.18
C LEU A 73 -31.89 -30.14 1.89
N CYS A 74 -31.27 -31.29 1.61
CA CYS A 74 -30.49 -31.42 0.39
C CYS A 74 -31.36 -31.20 -0.83
N ARG A 75 -32.51 -31.89 -0.91
CA ARG A 75 -33.43 -31.67 -2.02
C ARG A 75 -33.90 -30.23 -2.06
N ARG A 76 -34.34 -29.69 -0.91
CA ARG A 76 -34.89 -28.34 -0.90
C ARG A 76 -33.89 -27.33 -1.46
N ILE A 77 -32.61 -27.50 -1.13
CA ILE A 77 -31.59 -26.54 -1.55
C ILE A 77 -31.24 -26.74 -3.03
N LEU A 78 -31.00 -27.99 -3.44
CA LEU A 78 -30.62 -28.25 -4.81
C LEU A 78 -31.73 -27.88 -5.78
N LEU A 79 -33.00 -28.00 -5.38
CA LEU A 79 -34.09 -27.66 -6.29
C LEU A 79 -34.27 -26.16 -6.45
N ARG A 80 -33.55 -25.34 -5.68
CA ARG A 80 -33.61 -23.89 -5.80
C ARG A 80 -32.34 -23.31 -6.43
N SER A 81 -31.49 -24.17 -7.01
CA SER A 81 -30.21 -23.71 -7.53
C SER A 81 -30.37 -22.67 -8.64
N SER A 82 -31.51 -22.66 -9.34
CA SER A 82 -31.68 -21.66 -10.38
C SER A 82 -32.01 -20.28 -9.83
N ILE A 83 -32.47 -20.19 -8.57
CA ILE A 83 -32.86 -18.92 -7.97
C ILE A 83 -31.62 -18.12 -7.61
N GLN A 84 -31.28 -17.11 -8.43
CA GLN A 84 -29.99 -16.44 -8.29
C GLN A 84 -29.90 -15.66 -6.97
N GLU A 85 -30.96 -14.92 -6.63
CA GLU A 85 -30.92 -13.96 -5.52
C GLU A 85 -30.57 -14.63 -4.20
N ILE A 86 -30.86 -15.91 -4.06
CA ILE A 86 -30.63 -16.63 -2.81
C ILE A 86 -29.59 -17.73 -2.97
N ARG A 87 -28.84 -17.68 -4.08
CA ARG A 87 -27.83 -18.72 -4.32
C ARG A 87 -26.75 -18.75 -3.25
N PRO A 88 -26.04 -17.66 -2.92
CA PRO A 88 -25.01 -17.78 -1.88
C PRO A 88 -25.56 -18.28 -0.53
N LEU A 89 -26.78 -17.86 -0.16
CA LEU A 89 -27.37 -18.35 1.08
C LEU A 89 -27.52 -19.87 1.06
N LEU A 90 -28.00 -20.41 -0.08
CA LEU A 90 -28.02 -21.86 -0.26
C LEU A 90 -26.64 -22.46 -0.02
N LEU A 91 -25.62 -21.88 -0.65
CA LEU A 91 -24.26 -22.36 -0.42
C LEU A 91 -23.96 -22.40 1.07
N VAL A 92 -24.25 -21.30 1.78
CA VAL A 92 -23.99 -21.26 3.22
C VAL A 92 -24.71 -22.42 3.89
N THR A 93 -26.00 -22.56 3.61
CA THR A 93 -26.77 -23.64 4.20
C THR A 93 -26.12 -24.98 3.92
N MET A 94 -25.73 -25.22 2.67
CA MET A 94 -25.11 -26.50 2.36
C MET A 94 -23.81 -26.67 3.13
N LYS A 95 -23.00 -25.60 3.17
CA LYS A 95 -21.76 -25.62 3.96
C LYS A 95 -22.06 -25.93 5.41
N SER A 96 -23.15 -25.37 5.97
CA SER A 96 -23.49 -25.70 7.36
C SER A 96 -23.85 -27.17 7.48
N LEU A 97 -24.68 -27.68 6.56
CA LEU A 97 -24.94 -29.11 6.54
C LEU A 97 -23.64 -29.89 6.37
N MET A 98 -22.67 -29.31 5.65
CA MET A 98 -21.41 -29.98 5.40
C MET A 98 -20.52 -30.01 6.64
N SER A 99 -20.68 -29.04 7.54
CA SER A 99 -19.76 -28.91 8.66
C SER A 99 -19.83 -30.12 9.59
N ASN A 100 -20.99 -30.77 9.65
CA ASN A 100 -21.21 -31.93 10.49
C ASN A 100 -21.95 -32.98 9.66
N HIS A 101 -21.38 -34.19 9.57
CA HIS A 101 -21.83 -35.23 8.62
C HIS A 101 -21.61 -34.79 7.18
N SER A 102 -20.38 -34.38 6.88
CA SER A 102 -20.06 -33.98 5.52
C SER A 102 -20.37 -35.10 4.53
N ASP A 103 -19.89 -36.32 4.82
CA ASP A 103 -19.98 -37.41 3.87
C ASP A 103 -21.42 -37.71 3.48
N ASN A 104 -22.34 -37.74 4.46
CA ASN A 104 -23.73 -38.04 4.14
C ASN A 104 -24.38 -36.91 3.36
N THR A 105 -24.01 -35.66 3.65
CA THR A 105 -24.48 -34.55 2.84
C THR A 105 -24.07 -34.74 1.37
N GLU A 106 -22.77 -34.96 1.12
CA GLU A 106 -22.30 -35.16 -0.26
C GLU A 106 -22.96 -36.36 -0.91
N GLN A 107 -23.29 -37.40 -0.13
CA GLN A 107 -23.90 -38.61 -0.67
C GLN A 107 -25.32 -38.33 -1.18
N LYS A 108 -26.16 -37.79 -0.29
CA LYS A 108 -27.50 -37.38 -0.70
C LYS A 108 -27.45 -36.44 -1.91
N CYS A 109 -26.47 -35.55 -1.92
CA CYS A 109 -26.34 -34.62 -3.04
C CYS A 109 -26.10 -35.39 -4.34
N GLY A 110 -25.13 -36.31 -4.34
CA GLY A 110 -24.89 -37.10 -5.55
C GLY A 110 -26.13 -37.83 -6.01
N ASN A 111 -26.91 -38.37 -5.07
CA ASN A 111 -28.11 -39.12 -5.44
C ASN A 111 -29.14 -38.21 -6.11
N ILE A 112 -29.36 -37.04 -5.53
CA ILE A 112 -30.27 -36.06 -6.14
C ILE A 112 -29.77 -35.62 -7.50
N LEU A 113 -28.45 -35.48 -7.66
CA LEU A 113 -27.94 -35.09 -8.97
C LEU A 113 -28.25 -36.16 -10.00
N GLN A 114 -28.12 -37.44 -9.62
CA GLN A 114 -28.40 -38.52 -10.56
C GLN A 114 -29.87 -38.55 -10.96
N GLN A 115 -30.77 -38.28 -10.00
CA GLN A 115 -32.18 -38.18 -10.39
C GLN A 115 -32.42 -36.97 -11.28
N LEU A 116 -31.68 -35.88 -11.05
CA LEU A 116 -31.86 -34.69 -11.89
C LEU A 116 -31.41 -34.99 -13.31
N LEU A 117 -30.30 -35.69 -13.47
CA LEU A 117 -29.87 -36.13 -14.80
C LEU A 117 -30.95 -36.98 -15.48
N ILE A 118 -31.54 -37.95 -14.78
CA ILE A 118 -32.58 -38.75 -15.42
C ILE A 118 -33.76 -37.87 -15.85
N GLU A 119 -34.20 -36.95 -14.99
CA GLU A 119 -35.27 -36.04 -15.38
C GLU A 119 -34.87 -35.20 -16.59
N ALA A 120 -33.61 -34.77 -16.64
CA ALA A 120 -33.13 -33.96 -17.76
C ALA A 120 -33.11 -34.75 -19.05
N GLU A 121 -32.79 -36.05 -18.98
CA GLU A 121 -32.81 -36.88 -20.20
C GLU A 121 -34.23 -37.03 -20.74
N GLU A 122 -35.26 -37.00 -19.89
CA GLU A 122 -36.64 -37.18 -20.33
C GLU A 122 -37.37 -35.86 -20.57
N ASP A 123 -36.67 -34.73 -20.55
CA ASP A 123 -37.29 -33.42 -20.74
C ASP A 123 -37.18 -33.02 -22.20
N SER A 124 -38.32 -32.80 -22.84
CA SER A 124 -38.33 -32.21 -24.19
C SER A 124 -37.80 -30.78 -24.17
N GLY A 125 -37.90 -30.10 -23.03
CA GLY A 125 -37.32 -28.79 -22.86
C GLY A 125 -35.98 -28.86 -22.14
N ASN A 126 -35.39 -27.68 -21.94
CA ASN A 126 -34.09 -27.58 -21.31
C ASN A 126 -34.15 -27.23 -19.83
N VAL A 127 -35.36 -27.20 -19.24
CA VAL A 127 -35.48 -26.64 -17.90
C VAL A 127 -34.85 -27.57 -16.86
N SER A 128 -35.03 -28.89 -17.02
CA SER A 128 -34.37 -29.81 -16.09
C SER A 128 -32.85 -29.79 -16.25
N LEU A 129 -32.36 -29.63 -17.47
CA LEU A 129 -30.92 -29.55 -17.65
C LEU A 129 -30.36 -28.27 -17.02
N ARG A 130 -31.06 -27.15 -17.19
CA ARG A 130 -30.64 -25.91 -16.52
C ARG A 130 -30.52 -26.15 -15.03
N LEU A 131 -31.57 -26.72 -14.44
CA LEU A 131 -31.57 -26.98 -13.00
C LEU A 131 -30.39 -27.82 -12.62
N LEU A 132 -30.11 -28.86 -13.40
CA LEU A 132 -29.03 -29.77 -13.09
C LEU A 132 -27.68 -29.04 -13.09
N VAL A 133 -27.42 -28.23 -14.12
CA VAL A 133 -26.11 -27.60 -14.18
C VAL A 133 -26.02 -26.48 -13.14
N ASP A 134 -27.14 -25.86 -12.77
CA ASP A 134 -27.12 -24.88 -11.70
C ASP A 134 -26.80 -25.52 -10.35
N ALA A 135 -27.41 -26.67 -10.06
CA ALA A 135 -27.08 -27.41 -8.83
C ALA A 135 -25.60 -27.80 -8.81
N MET A 136 -25.12 -28.33 -9.95
CA MET A 136 -23.72 -28.71 -10.04
C MET A 136 -22.80 -27.51 -9.79
N SER A 137 -23.12 -26.35 -10.36
CA SER A 137 -22.23 -25.21 -10.16
C SER A 137 -22.32 -24.72 -8.72
N LEU A 138 -23.51 -24.81 -8.11
CA LEU A 138 -23.71 -24.35 -6.76
C LEU A 138 -22.88 -25.15 -5.76
N VAL A 139 -22.91 -26.48 -5.84
CA VAL A 139 -22.28 -27.29 -4.81
C VAL A 139 -20.91 -27.81 -5.24
N PHE A 140 -20.40 -27.39 -6.39
CA PHE A 140 -19.15 -27.97 -6.89
C PHE A 140 -17.97 -27.79 -5.95
N PRO A 141 -17.74 -26.63 -5.33
CA PRO A 141 -16.52 -26.47 -4.54
C PRO A 141 -16.58 -27.10 -3.16
N ILE A 142 -17.68 -27.81 -2.82
CA ILE A 142 -17.83 -28.41 -1.49
C ILE A 142 -18.12 -29.91 -1.62
N CYS A 143 -18.83 -30.29 -2.68
CA CYS A 143 -19.15 -31.68 -2.99
C CYS A 143 -18.33 -32.21 -4.16
N LEU A 144 -17.03 -31.89 -4.16
CA LEU A 144 -16.19 -32.06 -5.35
C LEU A 144 -16.21 -33.48 -5.87
N GLY A 145 -16.31 -34.48 -5.01
CA GLY A 145 -16.33 -35.86 -5.45
C GLY A 145 -17.47 -36.22 -6.37
N VAL A 146 -18.70 -36.10 -5.87
CA VAL A 146 -19.85 -36.48 -6.68
C VAL A 146 -19.99 -35.56 -7.89
N CYS A 147 -19.61 -34.29 -7.73
CA CYS A 147 -19.74 -33.35 -8.85
C CYS A 147 -18.77 -33.70 -9.97
N ARG A 148 -17.52 -34.02 -9.62
CA ARG A 148 -16.57 -34.46 -10.63
C ARG A 148 -17.05 -35.75 -11.29
N ASP A 149 -17.60 -36.67 -10.49
CA ASP A 149 -18.11 -37.93 -11.06
C ASP A 149 -19.21 -37.67 -12.07
N MET A 150 -20.14 -36.78 -11.74
CA MET A 150 -21.21 -36.42 -12.66
C MET A 150 -20.61 -35.78 -13.92
N PHE A 151 -19.96 -34.62 -13.75
CA PHE A 151 -19.43 -33.88 -14.90
C PHE A 151 -18.62 -34.77 -15.84
N LEU A 152 -17.82 -35.68 -15.28
CA LEU A 152 -16.92 -36.47 -16.11
C LEU A 152 -17.61 -37.62 -16.81
N SER A 153 -18.85 -37.95 -16.44
CA SER A 153 -19.52 -39.13 -17.01
C SER A 153 -20.01 -38.86 -18.43
N THR A 154 -19.82 -39.86 -19.30
CA THR A 154 -20.35 -39.79 -20.67
C THR A 154 -21.84 -39.45 -20.70
N ASP A 155 -22.64 -40.06 -19.81
CA ASP A 155 -24.07 -39.81 -19.85
C ASP A 155 -24.39 -38.34 -19.63
N PHE A 156 -23.69 -37.69 -18.69
CA PHE A 156 -23.96 -36.28 -18.46
C PHE A 156 -23.43 -35.44 -19.61
N GLN A 157 -22.22 -35.76 -20.10
CA GLN A 157 -21.64 -35.00 -21.21
C GLN A 157 -22.52 -35.10 -22.45
N ASP A 158 -23.09 -36.28 -22.71
CA ASP A 158 -23.91 -36.47 -23.90
C ASP A 158 -25.06 -35.47 -23.95
N ILE A 159 -25.88 -35.44 -22.89
CA ILE A 159 -27.02 -34.54 -22.90
C ILE A 159 -26.55 -33.09 -22.87
N LEU A 160 -25.49 -32.79 -22.13
CA LEU A 160 -25.10 -31.39 -22.01
C LEU A 160 -24.62 -30.85 -23.35
N THR A 161 -23.57 -31.47 -23.90
CA THR A 161 -23.02 -31.00 -25.16
C THR A 161 -24.08 -30.99 -26.24
N ARG A 162 -24.96 -31.98 -26.24
CA ARG A 162 -25.96 -32.03 -27.34
C ARG A 162 -26.91 -30.84 -27.22
N ASN A 163 -27.41 -30.59 -26.02
CA ASN A 163 -28.38 -29.52 -25.89
C ASN A 163 -27.73 -28.16 -26.10
N LEU A 164 -26.47 -28.02 -25.70
CA LEU A 164 -25.74 -26.80 -26.02
C LEU A 164 -25.69 -26.59 -27.52
N ASN A 165 -25.22 -27.60 -28.26
CA ASN A 165 -25.21 -27.50 -29.72
C ASN A 165 -26.58 -27.15 -30.28
N SER A 166 -27.65 -27.76 -29.74
CA SER A 166 -29.00 -27.61 -30.30
C SER A 166 -29.69 -26.31 -29.89
N SER A 167 -29.29 -25.67 -28.79
CA SER A 167 -30.06 -24.59 -28.18
C SER A 167 -29.15 -23.40 -27.90
N ALA A 168 -28.36 -23.02 -28.90
CA ALA A 168 -27.41 -21.92 -28.78
C ALA A 168 -28.04 -20.58 -28.39
N ASP A 169 -29.36 -20.41 -28.48
CA ASP A 169 -30.02 -19.18 -28.06
C ASP A 169 -30.87 -19.35 -26.81
N ASP A 170 -30.74 -20.46 -26.10
CA ASP A 170 -31.28 -20.62 -24.76
C ASP A 170 -30.29 -20.00 -23.77
N GLU A 171 -30.40 -18.67 -23.60
CA GLU A 171 -29.41 -17.92 -22.83
C GLU A 171 -29.26 -18.47 -21.42
N HIS A 172 -30.36 -18.88 -20.79
CA HIS A 172 -30.25 -19.37 -19.43
C HIS A 172 -29.42 -20.65 -19.37
N LEU A 173 -29.60 -21.53 -20.35
CA LEU A 173 -28.84 -22.79 -20.35
C LEU A 173 -27.37 -22.53 -20.68
N VAL A 174 -27.11 -21.74 -21.72
CA VAL A 174 -25.72 -21.45 -22.07
C VAL A 174 -24.99 -20.81 -20.88
N ASN A 175 -25.60 -19.79 -20.28
CA ASN A 175 -24.99 -19.07 -19.15
C ASN A 175 -24.76 -19.98 -17.97
N GLY A 176 -25.77 -20.79 -17.61
CA GLY A 176 -25.57 -21.77 -16.55
C GLY A 176 -24.40 -22.68 -16.84
N ALA A 177 -24.28 -23.10 -18.10
CA ALA A 177 -23.23 -24.04 -18.47
C ALA A 177 -21.85 -23.38 -18.43
N LEU A 178 -21.76 -22.12 -18.84
CA LEU A 178 -20.48 -21.43 -18.75
C LEU A 178 -20.07 -21.20 -17.29
N ARG A 179 -21.03 -20.83 -16.44
CA ARG A 179 -20.70 -20.69 -15.02
C ARG A 179 -20.29 -22.03 -14.43
N LEU A 180 -20.99 -23.10 -14.79
CA LEU A 180 -20.58 -24.44 -14.41
C LEU A 180 -19.14 -24.73 -14.82
N LEU A 181 -18.80 -24.45 -16.07
CA LEU A 181 -17.46 -24.78 -16.55
C LEU A 181 -16.40 -24.02 -15.77
N ALA A 182 -16.60 -22.71 -15.61
CA ALA A 182 -15.69 -21.91 -14.80
C ALA A 182 -15.54 -22.51 -13.39
N VAL A 183 -16.65 -22.62 -12.65
CA VAL A 183 -16.59 -23.13 -11.28
C VAL A 183 -15.88 -24.47 -11.23
N SER A 184 -16.17 -25.36 -12.18
CA SER A 184 -15.68 -26.72 -12.12
C SER A 184 -14.20 -26.78 -12.44
N CYS A 185 -13.67 -25.74 -13.09
CA CYS A 185 -12.24 -25.70 -13.35
C CYS A 185 -11.39 -25.78 -12.09
N ILE A 186 -12.01 -25.73 -10.90
CA ILE A 186 -11.26 -25.91 -9.66
C ILE A 186 -10.48 -27.22 -9.69
N ASP A 187 -11.18 -28.32 -9.94
CA ASP A 187 -10.54 -29.64 -9.98
C ASP A 187 -9.63 -29.76 -11.20
N GLU A 188 -8.59 -30.58 -11.06
CA GLU A 188 -7.60 -30.71 -12.12
C GLU A 188 -8.11 -31.59 -13.24
N ALA A 189 -8.72 -32.73 -12.91
CA ALA A 189 -9.23 -33.63 -13.94
C ALA A 189 -10.32 -32.96 -14.76
N VAL A 190 -11.21 -32.22 -14.11
CA VAL A 190 -12.20 -31.44 -14.84
C VAL A 190 -11.51 -30.40 -15.72
N ARG A 191 -10.48 -29.75 -15.21
CA ARG A 191 -9.81 -28.73 -16.03
C ARG A 191 -9.18 -29.36 -17.27
N ARG A 192 -8.58 -30.54 -17.12
CA ARG A 192 -7.99 -31.23 -18.28
C ARG A 192 -9.07 -31.62 -19.25
N PHE A 193 -10.18 -32.15 -18.75
CA PHE A 193 -11.31 -32.50 -19.60
C PHE A 193 -11.80 -31.28 -20.38
N ILE A 194 -12.03 -30.16 -19.68
CA ILE A 194 -12.53 -28.96 -20.31
C ILE A 194 -11.55 -28.45 -21.37
N ALA A 195 -10.25 -28.51 -21.05
CA ALA A 195 -9.19 -28.05 -21.94
C ALA A 195 -8.85 -29.05 -23.03
N GLU A 196 -9.46 -30.22 -23.02
CA GLU A 196 -9.28 -31.14 -24.13
C GLU A 196 -10.53 -31.28 -24.99
N HIS A 197 -11.73 -31.03 -24.43
CA HIS A 197 -12.97 -31.33 -25.11
C HIS A 197 -13.85 -30.14 -25.44
N TYR A 198 -13.58 -28.95 -24.88
CA TYR A 198 -14.50 -27.83 -25.06
C TYR A 198 -13.92 -26.64 -25.80
N LEU A 199 -12.68 -26.72 -26.30
CA LEU A 199 -12.10 -25.55 -26.93
C LEU A 199 -12.87 -25.14 -28.18
N LYS A 200 -13.38 -26.12 -28.92
CA LYS A 200 -14.18 -25.81 -30.10
C LYS A 200 -15.42 -25.01 -29.71
N THR A 201 -16.22 -25.60 -28.81
CA THR A 201 -17.42 -24.94 -28.29
C THR A 201 -17.10 -23.57 -27.72
N LEU A 202 -16.00 -23.45 -26.97
CA LEU A 202 -15.71 -22.16 -26.34
C LEU A 202 -15.31 -21.12 -27.36
N GLN A 203 -14.53 -21.50 -28.37
CA GLN A 203 -14.27 -20.58 -29.49
C GLN A 203 -15.57 -20.12 -30.13
N GLN A 204 -16.48 -21.08 -30.35
CA GLN A 204 -17.78 -20.76 -30.91
C GLN A 204 -18.50 -19.71 -30.08
N SER A 205 -18.80 -20.04 -28.81
CA SER A 205 -19.54 -19.10 -27.96
C SER A 205 -18.76 -17.82 -27.72
N PHE A 206 -17.42 -17.86 -27.85
CA PHE A 206 -16.65 -16.62 -27.78
C PHE A 206 -16.96 -15.71 -28.96
N LYS A 207 -17.31 -16.28 -30.12
CA LYS A 207 -17.71 -15.39 -31.21
C LYS A 207 -19.03 -14.67 -30.94
N VAL A 208 -19.90 -15.19 -30.07
CA VAL A 208 -21.24 -14.63 -29.86
C VAL A 208 -21.16 -13.57 -28.77
N GLU A 209 -21.55 -12.34 -29.08
CA GLU A 209 -21.41 -11.24 -28.13
C GLU A 209 -22.03 -11.55 -26.78
N LYS A 210 -23.31 -11.95 -26.75
CA LYS A 210 -23.99 -12.13 -25.46
C LYS A 210 -23.37 -13.22 -24.57
N TYR A 211 -22.34 -13.93 -25.02
CA TYR A 211 -21.65 -14.95 -24.22
C TYR A 211 -20.16 -14.70 -24.12
N LYS A 212 -19.67 -13.59 -24.69
CA LYS A 212 -18.24 -13.37 -24.81
C LYS A 212 -17.58 -13.33 -23.43
N VAL A 213 -18.15 -12.54 -22.52
CA VAL A 213 -17.50 -12.33 -21.23
C VAL A 213 -17.48 -13.64 -20.44
N LEU A 214 -18.60 -14.36 -20.38
CA LEU A 214 -18.61 -15.61 -19.63
C LEU A 214 -17.66 -16.62 -20.24
N THR A 215 -17.58 -16.66 -21.57
CA THR A 215 -16.67 -17.60 -22.21
C THR A 215 -15.21 -17.25 -21.89
N ALA A 216 -14.86 -15.96 -21.97
CA ALA A 216 -13.51 -15.54 -21.59
C ALA A 216 -13.19 -15.91 -20.14
N LEU A 217 -14.17 -15.77 -19.24
CA LEU A 217 -13.96 -16.15 -17.86
C LEU A 217 -13.75 -17.66 -17.71
N VAL A 218 -14.29 -18.46 -18.63
CA VAL A 218 -13.94 -19.89 -18.64
C VAL A 218 -12.54 -20.10 -19.20
N LEU A 219 -12.17 -19.34 -20.22
CA LEU A 219 -10.90 -19.58 -20.89
C LEU A 219 -9.71 -19.15 -20.02
N ILE A 220 -9.91 -18.11 -19.19
CA ILE A 220 -8.88 -17.65 -18.25
C ILE A 220 -8.34 -18.81 -17.41
N LYS A 221 -9.23 -19.72 -17.01
CA LYS A 221 -8.92 -20.84 -16.12
C LYS A 221 -8.32 -22.04 -16.84
N ILE A 222 -7.92 -21.88 -18.10
CA ILE A 222 -7.31 -22.97 -18.86
C ILE A 222 -6.18 -22.39 -19.74
N LYS A 230 -0.84 -17.91 -25.92
CA LYS A 230 -0.57 -16.46 -25.86
C LYS A 230 -1.68 -15.70 -26.61
N GLU A 231 -1.68 -15.76 -27.93
CA GLU A 231 -2.75 -15.10 -28.72
C GLU A 231 -4.12 -15.49 -28.11
N THR A 232 -4.29 -16.78 -27.79
CA THR A 232 -5.54 -17.23 -27.20
C THR A 232 -5.82 -16.47 -25.90
N LEU A 233 -4.77 -16.20 -25.11
CA LEU A 233 -4.94 -15.40 -23.91
C LEU A 233 -5.15 -13.93 -24.25
N ASN A 234 -4.38 -13.41 -25.20
CA ASN A 234 -4.47 -12.00 -25.59
C ASN A 234 -5.91 -11.61 -25.93
N SER A 235 -6.64 -12.52 -26.59
CA SER A 235 -8.02 -12.20 -26.95
C SER A 235 -8.90 -12.04 -25.71
N CYS A 236 -8.74 -12.93 -24.71
CA CYS A 236 -9.38 -12.75 -23.40
C CYS A 236 -9.09 -11.37 -22.82
N ILE A 237 -7.81 -11.00 -22.76
CA ILE A 237 -7.46 -9.71 -22.13
C ILE A 237 -8.08 -8.55 -22.90
N ASN A 238 -8.06 -8.60 -24.23
CA ASN A 238 -8.67 -7.53 -25.00
C ASN A 238 -10.17 -7.50 -24.77
N LEU A 239 -10.78 -8.67 -24.58
CA LEU A 239 -12.21 -8.70 -24.26
C LEU A 239 -12.49 -8.01 -22.94
N PHE A 240 -11.78 -8.42 -21.88
CA PHE A 240 -12.00 -7.79 -20.57
C PHE A 240 -11.79 -6.29 -20.67
N ILE A 241 -10.76 -5.86 -21.40
CA ILE A 241 -10.44 -4.43 -21.46
C ILE A 241 -11.55 -3.69 -22.17
N ASP A 242 -11.92 -4.14 -23.37
CA ASP A 242 -12.93 -3.45 -24.16
C ASP A 242 -14.27 -3.44 -23.44
N SER A 243 -14.67 -4.58 -22.85
CA SER A 243 -15.94 -4.66 -22.12
C SER A 243 -15.94 -3.83 -20.85
N LEU A 244 -14.78 -3.65 -20.20
CA LEU A 244 -14.72 -2.72 -19.08
C LEU A 244 -14.82 -1.28 -19.57
N SER A 245 -14.07 -0.93 -20.63
CA SER A 245 -14.11 0.44 -21.15
C SER A 245 -15.51 0.82 -21.62
N ASN A 246 -16.26 -0.15 -22.14
CA ASN A 246 -17.64 0.13 -22.51
C ASN A 246 -18.46 0.48 -21.27
N GLY A 247 -18.23 -0.21 -20.15
CA GLY A 247 -19.08 -0.13 -18.98
C GLY A 247 -19.76 -1.43 -18.63
N GLU A 248 -19.52 -2.52 -19.37
CA GLU A 248 -20.26 -3.77 -19.21
C GLU A 248 -19.57 -4.70 -18.24
N ASN A 249 -20.35 -5.27 -17.32
CA ASN A 249 -19.88 -6.28 -16.37
C ASN A 249 -18.68 -5.77 -15.57
N ILE A 250 -18.89 -4.61 -14.93
CA ILE A 250 -17.85 -4.00 -14.12
C ILE A 250 -17.31 -5.00 -13.10
N GLU A 251 -18.20 -5.78 -12.46
CA GLU A 251 -17.76 -6.71 -11.43
C GLU A 251 -16.83 -7.79 -11.98
N ILE A 252 -17.31 -8.55 -12.97
CA ILE A 252 -16.54 -9.68 -13.49
C ILE A 252 -15.23 -9.20 -14.13
N ASN A 253 -15.31 -8.13 -14.91
CA ASN A 253 -14.14 -7.63 -15.62
C ASN A 253 -13.11 -7.06 -14.68
N THR A 254 -13.54 -6.28 -13.67
CA THR A 254 -12.58 -5.73 -12.73
C THR A 254 -11.92 -6.84 -11.94
N GLU A 255 -12.67 -7.87 -11.54
CA GLU A 255 -12.06 -8.99 -10.84
C GLU A 255 -10.98 -9.62 -11.72
N ALA A 256 -11.33 -9.89 -12.97
CA ALA A 256 -10.40 -10.51 -13.90
C ALA A 256 -9.14 -9.65 -14.06
N LEU A 257 -9.31 -8.37 -14.39
CA LEU A 257 -8.16 -7.51 -14.65
C LEU A 257 -7.32 -7.24 -13.40
N ALA A 258 -7.94 -7.12 -12.23
CA ALA A 258 -7.17 -7.04 -10.99
C ALA A 258 -6.26 -8.26 -10.84
N TYR A 259 -6.73 -9.44 -11.25
CA TYR A 259 -5.84 -10.60 -11.24
C TYR A 259 -4.78 -10.51 -12.33
N LEU A 260 -5.18 -10.18 -13.55
CA LEU A 260 -4.31 -10.26 -14.72
C LEU A 260 -3.26 -9.15 -14.80
N THR A 261 -3.49 -8.01 -14.16
CA THR A 261 -2.48 -6.97 -14.21
C THR A 261 -1.25 -7.31 -13.40
N LEU A 262 -1.24 -8.48 -12.77
CA LEU A 262 -0.04 -9.01 -12.15
C LEU A 262 1.02 -9.42 -13.17
N LYS A 263 0.64 -9.51 -14.46
CA LYS A 263 1.55 -9.83 -15.58
C LYS A 263 1.88 -8.59 -16.40
N PRO A 264 3.15 -8.42 -16.73
CA PRO A 264 3.60 -7.20 -17.47
C PRO A 264 2.91 -6.96 -18.82
N SER A 265 2.71 -8.01 -19.64
CA SER A 265 2.12 -7.79 -20.96
C SER A 265 0.69 -7.29 -20.85
N VAL A 266 -0.08 -7.88 -19.93
CA VAL A 266 -1.41 -7.37 -19.62
C VAL A 266 -1.33 -5.88 -19.25
N ARG A 267 -0.33 -5.51 -18.44
CA ARG A 267 -0.19 -4.11 -18.05
C ARG A 267 0.09 -3.20 -19.25
N VAL A 268 1.00 -3.63 -20.13
CA VAL A 268 1.35 -2.80 -21.28
C VAL A 268 0.13 -2.61 -22.17
N LEU A 269 -0.61 -3.70 -22.40
CA LEU A 269 -1.85 -3.61 -23.15
C LEU A 269 -2.81 -2.61 -22.51
N LEU A 270 -3.01 -2.73 -21.20
CA LEU A 270 -3.96 -1.84 -20.53
C LEU A 270 -3.53 -0.40 -20.68
N ARG A 271 -2.26 -0.10 -20.41
CA ARG A 271 -1.76 1.26 -20.54
C ARG A 271 -1.88 1.75 -21.98
N GLY A 272 -1.78 0.83 -22.95
CA GLY A 272 -1.92 1.19 -24.34
C GLY A 272 -3.32 1.63 -24.73
N ASN A 273 -4.33 1.12 -24.03
CA ASN A 273 -5.73 1.36 -24.36
C ASN A 273 -6.22 2.59 -23.60
N GLY A 274 -6.34 3.70 -24.30
CA GLY A 274 -6.71 4.95 -23.63
C GLY A 274 -8.10 4.89 -23.02
N ASP A 275 -9.10 4.57 -23.85
CA ASP A 275 -10.49 4.56 -23.41
C ASP A 275 -10.66 3.81 -22.09
N VAL A 276 -10.03 2.63 -21.97
CA VAL A 276 -10.15 1.88 -20.72
C VAL A 276 -9.56 2.66 -19.55
N CYS A 277 -8.48 3.43 -19.76
CA CYS A 277 -7.88 4.16 -18.66
C CYS A 277 -8.79 5.29 -18.20
N LEU A 278 -9.33 6.07 -19.15
CA LEU A 278 -10.33 7.05 -18.75
C LEU A 278 -11.46 6.39 -17.98
N LYS A 279 -11.91 5.20 -18.44
CA LYS A 279 -13.02 4.53 -17.79
C LYS A 279 -12.68 4.14 -16.37
N ILE A 280 -11.45 3.65 -16.15
CA ILE A 280 -11.09 3.20 -14.81
C ILE A 280 -11.05 4.39 -13.87
N ILE A 281 -10.46 5.51 -14.32
CA ILE A 281 -10.42 6.69 -13.47
C ILE A 281 -11.84 7.19 -13.15
N GLU A 282 -12.70 7.26 -14.16
CA GLU A 282 -14.06 7.77 -13.94
C GLU A 282 -14.86 6.83 -13.03
N LEU A 283 -14.69 5.52 -13.20
CA LEU A 283 -15.34 4.57 -12.30
C LEU A 283 -14.86 4.78 -10.87
N ILE A 284 -13.55 4.94 -10.67
CA ILE A 284 -13.03 5.15 -9.32
C ILE A 284 -13.62 6.41 -8.73
N LYS A 285 -13.80 7.43 -9.56
CA LYS A 285 -14.40 8.67 -9.07
C LYS A 285 -15.90 8.54 -8.89
N SER A 286 -16.54 7.75 -9.75
CA SER A 286 -17.99 7.63 -9.77
C SER A 286 -18.53 7.25 -8.39
N GLN A 287 -19.46 8.04 -7.89
CA GLN A 287 -20.12 7.76 -6.61
C GLN A 287 -21.04 6.59 -6.67
N ASP A 288 -21.14 5.89 -7.80
CA ASP A 288 -22.06 4.78 -7.92
C ASP A 288 -21.42 3.40 -7.83
N THR A 289 -20.14 3.25 -8.18
CA THR A 289 -19.61 1.88 -8.29
C THR A 289 -19.49 1.24 -6.91
N THR A 290 -19.71 -0.07 -6.85
CA THR A 290 -19.75 -0.71 -5.54
C THR A 290 -18.36 -0.70 -4.89
N PRO A 291 -18.31 -0.68 -3.55
CA PRO A 291 -16.99 -0.73 -2.88
C PRO A 291 -16.10 -1.90 -3.31
N THR A 292 -16.69 -3.06 -3.61
CA THR A 292 -15.90 -4.18 -4.12
C THR A 292 -15.28 -3.86 -5.49
N ASP A 293 -16.05 -3.25 -6.39
CA ASP A 293 -15.49 -2.82 -7.66
C ASP A 293 -14.44 -1.71 -7.47
N LEU A 294 -14.70 -0.77 -6.56
CA LEU A 294 -13.71 0.27 -6.27
C LEU A 294 -12.38 -0.34 -5.86
N TYR A 295 -12.43 -1.38 -5.03
CA TYR A 295 -11.22 -2.08 -4.61
C TYR A 295 -10.50 -2.68 -5.80
N GLY A 296 -11.23 -3.40 -6.67
CA GLY A 296 -10.59 -3.96 -7.85
C GLY A 296 -9.97 -2.91 -8.73
N LEU A 297 -10.70 -1.81 -8.96
CA LEU A 297 -10.19 -0.72 -9.77
C LEU A 297 -8.89 -0.17 -9.21
N LEU A 298 -8.82 -0.04 -7.88
CA LEU A 298 -7.61 0.46 -7.25
C LEU A 298 -6.47 -0.55 -7.39
N ILE A 299 -6.76 -1.83 -7.24
CA ILE A 299 -5.73 -2.84 -7.45
C ILE A 299 -5.18 -2.74 -8.88
N ILE A 300 -6.07 -2.56 -9.86
CA ILE A 300 -5.61 -2.43 -11.24
C ILE A 300 -4.74 -1.20 -11.40
N LEU A 301 -5.21 -0.06 -10.87
CA LEU A 301 -4.45 1.18 -10.98
C LEU A 301 -3.08 1.06 -10.33
N ALA A 302 -3.01 0.46 -9.14
CA ALA A 302 -1.71 0.32 -8.49
C ALA A 302 -0.79 -0.59 -9.28
N ASN A 303 -1.32 -1.72 -9.77
CA ASN A 303 -0.51 -2.62 -10.57
C ASN A 303 0.04 -1.92 -11.81
N VAL A 304 -0.81 -1.12 -12.46
CA VAL A 304 -0.44 -0.54 -13.75
C VAL A 304 0.45 0.67 -13.58
N SER A 305 0.38 1.34 -12.42
CA SER A 305 1.18 2.52 -12.13
C SER A 305 2.53 2.20 -11.49
N GLU A 306 2.74 0.97 -11.03
CA GLU A 306 3.99 0.54 -10.38
C GLU A 306 5.19 0.66 -11.32
N HIS A 307 6.30 1.21 -10.80
CA HIS A 307 7.55 1.28 -11.55
C HIS A 307 8.26 -0.08 -11.52
N PRO A 308 8.83 -0.51 -12.65
CA PRO A 308 9.58 -1.79 -12.64
C PRO A 308 10.88 -1.65 -11.88
N SER A 309 11.36 -2.78 -11.38
CA SER A 309 12.60 -2.82 -10.60
C SER A 309 13.46 -4.03 -10.97
N GLU A 335 8.45 -3.98 -19.49
CA GLU A 335 7.82 -2.67 -19.65
C GLU A 335 8.84 -1.56 -19.50
N ASN A 336 8.57 -0.45 -20.17
CA ASN A 336 9.50 0.65 -20.21
C ASN A 336 9.07 1.71 -19.21
N VAL A 337 10.02 2.16 -18.40
CA VAL A 337 9.71 3.10 -17.34
C VAL A 337 9.04 4.36 -17.89
N LYS A 338 9.44 4.78 -19.08
CA LYS A 338 8.87 6.03 -19.59
C LYS A 338 7.39 5.87 -19.91
N ASP A 339 6.96 4.68 -20.35
CA ASP A 339 5.53 4.46 -20.57
C ASP A 339 4.76 4.57 -19.26
N ILE A 340 5.35 4.06 -18.18
CA ILE A 340 4.70 4.10 -16.89
C ILE A 340 4.63 5.53 -16.35
N GLU A 341 5.69 6.33 -16.56
CA GLU A 341 5.59 7.72 -16.11
C GLU A 341 4.60 8.49 -16.95
N GLU A 342 4.57 8.22 -18.26
CA GLU A 342 3.58 8.83 -19.14
C GLU A 342 2.17 8.52 -18.68
N PHE A 343 1.89 7.25 -18.40
CA PHE A 343 0.56 6.87 -17.92
C PHE A 343 0.24 7.57 -16.60
N ASN A 344 1.19 7.54 -15.65
CA ASN A 344 0.92 8.11 -14.33
C ASN A 344 0.65 9.60 -14.44
N ARG A 345 1.41 10.30 -15.30
CA ARG A 345 1.19 11.74 -15.43
C ARG A 345 -0.12 12.03 -16.13
N ASP A 346 -0.46 11.26 -17.17
CA ASP A 346 -1.61 11.60 -18.00
C ASP A 346 -2.92 11.28 -17.30
N TYR A 347 -3.02 10.08 -16.71
CA TYR A 347 -4.30 9.62 -16.22
C TYR A 347 -4.48 9.74 -14.70
N ILE A 348 -3.41 9.63 -13.91
CA ILE A 348 -3.58 9.74 -12.46
C ILE A 348 -3.44 11.17 -12.00
N ILE A 349 -2.38 11.85 -12.45
CA ILE A 349 -2.14 13.22 -11.99
C ILE A 349 -3.07 14.21 -12.68
N ASP A 350 -3.14 14.16 -14.02
CA ASP A 350 -3.85 15.21 -14.73
C ASP A 350 -5.36 15.07 -14.60
N LEU A 351 -5.87 13.86 -14.36
CA LEU A 351 -7.28 13.66 -14.09
C LEU A 351 -7.63 13.87 -12.62
N ASP A 352 -6.71 14.44 -11.82
CA ASP A 352 -6.97 14.79 -10.42
C ASP A 352 -7.47 13.60 -9.58
N LEU A 353 -6.94 12.40 -9.90
CA LEU A 353 -7.35 11.17 -9.20
C LEU A 353 -7.08 11.26 -7.70
N ILE A 354 -5.94 11.84 -7.30
CA ILE A 354 -5.57 11.88 -5.90
C ILE A 354 -6.48 12.84 -5.16
N GLY A 355 -6.73 14.02 -5.75
CA GLY A 355 -7.66 14.94 -5.14
C GLY A 355 -9.02 14.32 -4.90
N SER A 356 -9.45 13.44 -5.81
CA SER A 356 -10.74 12.79 -5.62
C SER A 356 -10.64 11.74 -4.51
N LEU A 357 -9.60 10.91 -4.56
CA LEU A 357 -9.48 9.78 -3.62
C LEU A 357 -9.58 10.22 -2.17
N LYS A 358 -9.07 11.42 -1.85
CA LYS A 358 -9.25 12.00 -0.52
C LYS A 358 -10.72 11.91 -0.08
N SER A 359 -11.66 11.98 -1.02
CA SER A 359 -13.07 12.09 -0.67
C SER A 359 -13.85 10.77 -0.69
N ILE A 360 -13.40 9.75 -1.42
CA ILE A 360 -14.16 8.51 -1.46
C ILE A 360 -13.96 7.71 -0.16
N LYS A 361 -15.02 6.99 0.25
CA LYS A 361 -14.91 6.09 1.39
C LYS A 361 -14.06 4.89 1.00
N LEU A 362 -13.05 4.60 1.82
CA LEU A 362 -12.11 3.55 1.51
C LEU A 362 -12.03 2.59 2.69
N SER A 363 -12.09 1.31 2.39
CA SER A 363 -11.74 0.27 3.34
C SER A 363 -10.23 0.29 3.61
N THR A 364 -9.77 -0.58 4.50
CA THR A 364 -8.33 -0.61 4.74
C THR A 364 -7.59 -1.15 3.52
N SER A 365 -8.16 -2.15 2.84
CA SER A 365 -7.48 -2.66 1.66
C SER A 365 -7.44 -1.63 0.54
N SER A 366 -8.54 -0.90 0.36
CA SER A 366 -8.53 0.11 -0.70
C SER A 366 -7.55 1.22 -0.37
N TYR A 367 -7.54 1.66 0.89
CA TYR A 367 -6.55 2.65 1.31
C TYR A 367 -5.14 2.14 1.06
N ASN A 368 -4.88 0.86 1.33
CA ASN A 368 -3.58 0.25 0.99
C ASN A 368 -3.26 0.47 -0.47
N GLN A 369 -4.23 0.19 -1.36
CA GLN A 369 -3.95 0.33 -2.78
C GLN A 369 -3.71 1.79 -3.14
N ALA A 370 -4.39 2.71 -2.47
CA ALA A 370 -4.22 4.13 -2.76
C ALA A 370 -2.83 4.60 -2.34
N ILE A 371 -2.35 4.09 -1.19
CA ILE A 371 -0.96 4.33 -0.79
C ILE A 371 -0.02 3.78 -1.85
N ARG A 372 -0.27 2.56 -2.31
CA ARG A 372 0.54 2.01 -3.40
C ARG A 372 0.59 2.96 -4.59
N ILE A 373 -0.58 3.48 -4.98
CA ILE A 373 -0.65 4.38 -6.12
C ILE A 373 0.19 5.63 -5.86
N ILE A 374 0.05 6.21 -4.67
CA ILE A 374 0.82 7.42 -4.35
C ILE A 374 2.32 7.13 -4.37
N TYR A 375 2.73 6.00 -3.79
CA TYR A 375 4.13 5.61 -3.83
C TYR A 375 4.65 5.54 -5.26
N ASN A 376 3.95 4.74 -6.08
CA ASN A 376 4.31 4.59 -7.49
C ASN A 376 4.46 5.95 -8.17
N VAL A 377 3.47 6.82 -7.99
CA VAL A 377 3.51 8.12 -8.68
C VAL A 377 4.74 8.89 -8.21
N THR A 378 5.06 8.81 -6.92
CA THR A 378 6.23 9.55 -6.48
C THR A 378 7.55 8.92 -6.90
N ARG A 379 7.55 7.71 -7.47
CA ARG A 379 8.82 7.25 -8.02
C ARG A 379 9.39 8.19 -9.06
N ASP A 380 8.62 9.19 -9.53
CA ASP A 380 9.04 10.17 -10.54
C ASP A 380 9.00 11.56 -9.93
N LYS A 381 10.16 12.01 -9.43
CA LYS A 381 10.25 13.22 -8.61
C LYS A 381 9.52 14.42 -9.25
N THR A 382 9.48 14.47 -10.58
CA THR A 382 8.88 15.61 -11.27
C THR A 382 7.39 15.77 -10.98
N GLN A 383 6.72 14.71 -10.54
CA GLN A 383 5.29 14.73 -10.24
C GLN A 383 4.97 15.05 -8.78
N ILE A 384 5.97 15.02 -7.88
CA ILE A 384 5.66 15.06 -6.45
C ILE A 384 4.90 16.34 -6.10
N SER A 385 5.39 17.47 -6.60
CA SER A 385 4.71 18.74 -6.39
C SER A 385 3.22 18.61 -6.65
N GLU A 386 2.85 18.15 -7.86
CA GLU A 386 1.43 18.05 -8.18
C GLU A 386 0.73 17.09 -7.23
N CYS A 387 1.35 15.95 -6.97
CA CYS A 387 0.77 14.98 -6.02
C CYS A 387 0.45 15.68 -4.70
N VAL A 388 1.36 16.49 -4.19
CA VAL A 388 1.14 17.07 -2.89
C VAL A 388 0.03 18.10 -2.97
N LYS A 389 -0.07 18.82 -4.09
CA LYS A 389 -1.14 19.79 -4.23
C LYS A 389 -2.50 19.08 -4.23
N GLN A 390 -2.55 17.89 -4.81
CA GLN A 390 -3.81 17.15 -4.82
C GLN A 390 -4.13 16.52 -3.49
N GLY A 391 -3.26 16.63 -2.50
CA GLY A 391 -3.57 16.16 -1.16
C GLY A 391 -2.92 14.87 -0.75
N ALA A 392 -1.88 14.40 -1.46
CA ALA A 392 -1.35 13.06 -1.21
C ALA A 392 -0.62 12.98 0.12
N GLY A 393 0.14 14.03 0.45
CA GLY A 393 0.78 14.08 1.75
C GLY A 393 -0.22 13.87 2.87
N LEU A 394 -1.38 14.51 2.78
CA LEU A 394 -2.40 14.36 3.80
C LEU A 394 -2.83 12.91 3.93
N MET A 395 -3.04 12.24 2.80
CA MET A 395 -3.47 10.85 2.84
C MET A 395 -2.41 9.97 3.48
N LEU A 396 -1.14 10.24 3.14
CA LEU A 396 -0.05 9.50 3.75
C LEU A 396 -0.05 9.67 5.26
N LEU A 397 -0.21 10.92 5.73
CA LEU A 397 -0.15 11.18 7.16
C LEU A 397 -1.32 10.55 7.90
N VAL A 398 -2.54 10.71 7.38
CA VAL A 398 -3.69 10.10 8.03
C VAL A 398 -3.53 8.59 8.10
N PHE A 399 -3.06 7.99 7.00
CA PHE A 399 -2.84 6.55 6.96
C PHE A 399 -1.89 6.13 8.07
N LEU A 400 -0.76 6.83 8.18
CA LEU A 400 0.21 6.51 9.22
C LEU A 400 -0.37 6.73 10.61
N ALA A 401 -1.08 7.84 10.80
CA ALA A 401 -1.66 8.11 12.11
C ALA A 401 -2.56 6.95 12.53
N GLN A 402 -3.43 6.48 11.61
CA GLN A 402 -4.40 5.42 11.97
C GLN A 402 -3.72 4.07 12.13
N LYS A 403 -2.57 3.87 11.50
CA LYS A 403 -1.93 2.59 11.67
C LYS A 403 -0.94 2.57 12.84
N ARG A 404 -0.63 3.75 13.38
CA ARG A 404 0.42 3.95 14.38
C ARG A 404 0.40 2.89 15.49
N ASN A 405 -0.75 2.70 16.15
CA ASN A 405 -0.85 1.75 17.26
C ASN A 405 -1.55 0.45 16.86
N LEU A 406 -1.52 0.09 15.56
CA LEU A 406 -2.40 -0.90 14.94
C LEU A 406 -1.62 -1.91 14.10
N SER A 407 -1.05 -1.45 12.99
CA SER A 407 -0.48 -2.38 12.03
C SER A 407 0.74 -1.70 11.40
N LYS A 408 1.90 -1.92 12.02
CA LYS A 408 3.15 -1.47 11.40
C LYS A 408 3.63 -2.58 10.46
N ASP A 409 2.91 -2.71 9.35
CA ASP A 409 3.15 -3.77 8.38
C ASP A 409 3.87 -3.19 7.16
N GLU A 410 3.84 -3.93 6.06
CA GLU A 410 4.52 -3.53 4.84
C GLU A 410 3.88 -2.28 4.23
N TRP A 411 2.56 -2.09 4.42
CA TRP A 411 1.95 -0.86 3.91
C TRP A 411 2.38 0.35 4.72
N TYR A 412 2.56 0.16 6.02
CA TYR A 412 3.14 1.20 6.86
C TYR A 412 4.50 1.65 6.31
N LEU A 413 5.39 0.67 6.12
CA LEU A 413 6.68 0.95 5.49
C LEU A 413 6.51 1.69 4.17
N LEU A 414 5.68 1.14 3.28
CA LEU A 414 5.49 1.76 1.97
C LEU A 414 5.06 3.22 2.10
N SER A 415 4.19 3.50 3.06
CA SER A 415 3.70 4.84 3.27
C SER A 415 4.84 5.77 3.70
N ILE A 416 5.68 5.30 4.63
CA ILE A 416 6.86 6.07 5.02
C ILE A 416 7.79 6.32 3.83
N ARG A 417 7.95 5.31 2.95
CA ARG A 417 8.77 5.53 1.76
C ARG A 417 8.20 6.66 0.90
N ALA A 418 6.90 6.61 0.62
CA ALA A 418 6.29 7.69 -0.17
C ALA A 418 6.47 9.04 0.51
N LEU A 419 6.30 9.08 1.83
CA LEU A 419 6.38 10.34 2.57
C LEU A 419 7.79 10.90 2.54
N SER A 420 8.80 10.04 2.75
CA SER A 420 10.19 10.49 2.67
C SER A 420 10.48 11.08 1.31
N LYS A 421 10.05 10.38 0.24
CA LYS A 421 10.33 10.92 -1.09
C LYS A 421 9.63 12.25 -1.28
N THR A 422 8.39 12.36 -0.79
CA THR A 422 7.65 13.61 -0.85
C THR A 422 8.45 14.73 -0.24
N LEU A 423 8.99 14.49 0.95
CA LEU A 423 9.60 15.58 1.69
C LEU A 423 11.00 15.88 1.19
N ILE A 424 11.56 15.02 0.33
CA ILE A 424 12.85 15.36 -0.28
C ILE A 424 12.69 16.42 -1.38
N TYR A 425 11.53 16.52 -2.00
CA TYR A 425 11.42 17.28 -3.23
C TYR A 425 10.39 18.39 -3.21
N VAL A 426 9.74 18.66 -2.08
CA VAL A 426 8.76 19.73 -2.01
C VAL A 426 9.09 20.63 -0.83
N ASN A 427 8.66 21.89 -0.94
CA ASN A 427 8.70 22.79 0.20
C ASN A 427 7.77 22.27 1.29
N PRO A 428 8.22 22.18 2.54
CA PRO A 428 7.44 21.44 3.55
C PRO A 428 6.17 22.16 3.99
N GLU A 429 6.22 23.49 4.18
CA GLU A 429 5.08 24.22 4.74
C GLU A 429 3.88 24.30 3.80
N THR A 430 4.06 24.03 2.51
CA THR A 430 2.95 24.04 1.57
C THR A 430 2.68 22.62 1.03
N ALA A 431 2.50 21.65 1.94
CA ALA A 431 2.54 20.25 1.54
C ALA A 431 1.46 19.34 2.11
N PHE A 432 0.65 19.80 3.08
CA PHE A 432 -0.37 18.94 3.67
C PHE A 432 -1.63 19.75 3.94
N SER A 433 -2.07 20.49 2.94
CA SER A 433 -3.26 21.35 3.00
C SER A 433 -3.24 22.21 4.26
N LYS A 434 -2.09 22.83 4.50
CA LYS A 434 -1.83 23.72 5.64
C LYS A 434 -1.88 22.99 6.99
N TYR A 435 -1.80 21.65 6.98
CA TYR A 435 -1.49 20.89 8.18
C TYR A 435 0.03 20.85 8.41
N SER A 436 0.41 20.52 9.64
CA SER A 436 1.81 20.66 10.04
C SER A 436 2.68 19.61 9.36
N PRO A 437 3.64 20.02 8.51
CA PRO A 437 4.54 19.03 7.92
C PRO A 437 5.40 18.35 8.95
N LEU A 438 5.60 19.00 10.11
CA LEU A 438 6.38 18.42 11.18
C LEU A 438 5.74 17.17 11.74
N SER A 439 4.43 16.98 11.52
CA SER A 439 3.82 15.75 12.01
C SER A 439 4.33 14.54 11.26
N ALA A 440 5.06 14.75 10.16
CA ALA A 440 5.69 13.63 9.47
C ALA A 440 6.87 13.10 10.27
N ALA A 441 7.52 13.96 11.07
CA ALA A 441 8.78 13.64 11.72
C ALA A 441 8.78 12.35 12.53
N PRO A 442 7.81 12.09 13.42
CA PRO A 442 7.85 10.80 14.14
C PRO A 442 7.92 9.62 13.20
N PHE A 443 7.18 9.67 12.09
CA PHE A 443 7.15 8.56 11.15
C PHE A 443 8.50 8.40 10.46
N LEU A 444 9.11 9.50 10.01
CA LEU A 444 10.45 9.44 9.46
C LEU A 444 11.42 8.81 10.44
N PHE A 445 11.24 9.08 11.75
CA PHE A 445 12.22 8.56 12.68
C PHE A 445 12.16 7.04 12.74
N GLU A 446 11.04 6.44 12.32
CA GLU A 446 10.92 4.99 12.34
C GLU A 446 11.78 4.32 11.27
N ASN A 447 12.36 5.07 10.32
CA ASN A 447 13.29 4.50 9.35
C ASN A 447 14.73 4.79 9.71
N LEU A 448 14.98 5.41 10.85
CA LEU A 448 16.31 5.51 11.44
C LEU A 448 16.55 4.30 12.34
N PRO A 449 17.70 3.65 12.27
CA PRO A 449 17.96 2.54 13.19
C PRO A 449 17.92 3.05 14.63
N LEU A 450 17.14 2.37 15.43
CA LEU A 450 17.08 2.71 16.83
C LEU A 450 18.42 2.36 17.47
N PRO A 451 18.79 3.03 18.55
CA PRO A 451 19.97 2.59 19.32
C PRO A 451 19.88 1.09 19.57
N ASN A 452 20.99 0.38 19.34
CA ASN A 452 20.92 -1.08 19.29
C ASN A 452 20.59 -1.73 20.64
N ASP A 453 20.44 -0.94 21.70
CA ASP A 453 19.86 -1.36 22.97
C ASP A 453 18.32 -1.31 22.95
N ASN A 454 17.72 -1.05 21.77
CA ASN A 454 16.32 -0.65 21.64
C ASN A 454 15.62 -1.53 20.59
N ALA A 455 15.25 -2.74 21.01
CA ALA A 455 14.34 -3.66 20.33
C ALA A 455 14.49 -3.79 18.81
N LEU A 456 13.58 -4.55 18.21
CA LEU A 456 13.51 -4.74 16.76
C LEU A 456 12.34 -3.92 16.22
N SER A 457 12.60 -3.10 15.21
CA SER A 457 11.52 -2.34 14.58
C SER A 457 10.75 -3.25 13.62
N GLU A 458 9.43 -3.28 13.76
CA GLU A 458 8.58 -4.04 12.86
C GLU A 458 8.84 -3.68 11.40
N LEU A 459 9.46 -2.53 11.16
CA LEU A 459 9.72 -2.04 9.80
C LEU A 459 11.02 -2.65 9.30
N GLN A 460 10.94 -3.30 8.14
CA GLN A 460 12.11 -3.85 7.45
C GLN A 460 12.70 -2.80 6.50
N PHE A 461 13.07 -1.65 7.06
CA PHE A 461 13.61 -0.59 6.22
C PHE A 461 15.07 -0.90 5.88
N THR A 462 15.56 -0.28 4.81
CA THR A 462 16.91 -0.49 4.29
C THR A 462 17.80 0.74 4.53
N GLN A 463 19.05 0.64 4.07
CA GLN A 463 19.96 1.78 4.16
C GLN A 463 19.44 2.92 3.30
N LEU A 464 18.82 2.58 2.18
CA LEU A 464 18.28 3.62 1.33
C LEU A 464 17.13 4.33 2.02
N ASP A 465 16.30 3.57 2.76
CA ASP A 465 15.23 4.19 3.53
C ASP A 465 15.79 5.15 4.58
N THR A 466 16.82 4.73 5.29
CA THR A 466 17.43 5.59 6.30
C THR A 466 18.00 6.84 5.66
N TYR A 467 18.64 6.69 4.50
CA TYR A 467 19.19 7.83 3.81
C TYR A 467 18.11 8.83 3.43
N GLU A 468 16.98 8.33 2.90
CA GLU A 468 15.91 9.20 2.45
C GLU A 468 15.17 9.83 3.63
N ALA A 469 14.97 9.05 4.71
CA ALA A 469 14.46 9.64 5.93
C ALA A 469 15.33 10.81 6.40
N LEU A 470 16.65 10.65 6.35
CA LEU A 470 17.50 11.73 6.84
C LEU A 470 17.44 12.92 5.91
N LEU A 471 17.28 12.68 4.60
CA LEU A 471 17.13 13.79 3.68
C LEU A 471 15.86 14.58 4.00
N ALA A 472 14.75 13.86 4.21
CA ALA A 472 13.49 14.48 4.52
C ALA A 472 13.56 15.21 5.85
N LEU A 473 14.22 14.61 6.84
CA LEU A 473 14.38 15.27 8.14
C LEU A 473 15.23 16.51 7.99
N THR A 474 16.29 16.43 7.21
CA THR A 474 17.12 17.60 6.96
C THR A 474 16.28 18.72 6.35
N ASN A 475 15.32 18.35 5.50
CA ASN A 475 14.42 19.34 4.91
C ASN A 475 13.47 19.92 5.95
N LEU A 476 12.86 19.07 6.77
CA LEU A 476 12.04 19.58 7.86
C LEU A 476 12.84 20.51 8.77
N ALA A 477 14.13 20.27 8.89
CA ALA A 477 14.93 21.02 9.83
C ALA A 477 15.22 22.42 9.33
N THR A 478 14.87 22.73 8.09
CA THR A 478 14.99 24.09 7.61
C THR A 478 13.87 24.98 8.15
N ILE A 479 12.72 24.42 8.53
CA ILE A 479 11.63 25.23 9.06
C ILE A 479 12.08 25.93 10.34
N ASN A 480 11.90 27.26 10.36
CA ASN A 480 12.18 28.12 11.52
C ASN A 480 13.58 27.85 12.09
N GLN A 481 14.56 27.83 11.20
CA GLN A 481 15.95 27.61 11.59
C GLN A 481 16.12 26.37 12.48
N GLY A 482 15.28 25.36 12.29
CA GLY A 482 15.48 24.12 12.99
C GLY A 482 14.86 24.06 14.35
N VAL A 483 14.16 25.10 14.79
CA VAL A 483 13.57 25.09 16.13
C VAL A 483 12.44 24.06 16.21
N ASP A 484 11.52 24.07 15.23
CA ASP A 484 10.37 23.17 15.28
C ASP A 484 10.82 21.70 15.36
N LEU A 485 11.66 21.27 14.41
CA LEU A 485 12.12 19.90 14.44
C LEU A 485 12.92 19.64 15.71
N GLY A 486 13.78 20.60 16.13
CA GLY A 486 14.55 20.38 17.33
C GLY A 486 13.69 20.21 18.55
N LYS A 487 12.53 20.87 18.57
CA LYS A 487 11.63 20.69 19.71
C LYS A 487 11.00 19.32 19.67
N ILE A 488 10.69 18.81 18.47
CA ILE A 488 10.27 17.41 18.38
C ILE A 488 11.37 16.46 18.87
N ILE A 489 12.61 16.74 18.48
CA ILE A 489 13.70 15.85 18.89
C ILE A 489 13.90 15.89 20.40
N LEU A 490 13.71 17.05 21.04
CA LEU A 490 13.90 17.16 22.48
C LEU A 490 12.75 16.54 23.29
N SER A 491 11.57 16.36 22.69
CA SER A 491 10.48 15.74 23.44
C SER A 491 10.64 14.24 23.57
N ASN A 492 11.62 13.62 22.91
CA ASN A 492 11.80 12.18 22.96
C ASN A 492 13.28 11.87 22.79
N ALA A 493 13.92 11.37 23.86
CA ALA A 493 15.37 11.18 23.84
C ALA A 493 15.80 10.17 22.79
N GLN A 494 14.89 9.25 22.44
CA GLN A 494 15.15 8.27 21.41
C GLN A 494 15.52 8.93 20.07
N TYR A 495 14.85 10.03 19.73
CA TYR A 495 15.13 10.65 18.43
C TYR A 495 16.57 11.13 18.38
N TRP A 496 17.01 11.85 19.41
CA TRP A 496 18.38 12.34 19.38
C TRP A 496 19.36 11.18 19.42
N ASP A 497 19.05 10.13 20.16
CA ASP A 497 19.94 8.98 20.17
C ASP A 497 20.09 8.39 18.76
N SER A 498 18.97 8.25 18.03
CA SER A 498 19.07 7.66 16.69
C SER A 498 19.84 8.57 15.74
N ILE A 499 19.84 9.88 15.99
CA ILE A 499 20.69 10.74 15.16
C ILE A 499 22.16 10.55 15.53
N GLU A 500 22.45 10.61 16.84
CA GLU A 500 23.84 10.53 17.29
C GLU A 500 24.45 9.19 16.92
N ASN A 501 23.61 8.16 16.80
CA ASN A 501 24.10 6.83 16.47
C ASN A 501 24.47 6.73 14.99
N LEU A 502 24.25 7.78 14.20
CA LEU A 502 24.64 7.79 12.79
C LEU A 502 25.82 8.71 12.52
N LEU A 503 26.34 9.35 13.55
CA LEU A 503 27.49 10.22 13.43
C LEU A 503 28.69 9.52 12.80
N LEU A 504 28.96 8.27 13.17
CA LEU A 504 30.08 7.52 12.65
C LEU A 504 29.65 6.34 11.77
N ASP A 505 28.49 6.45 11.12
CA ASP A 505 28.00 5.36 10.28
C ASP A 505 29.02 5.06 9.20
N SER A 506 29.16 3.77 8.89
CA SER A 506 30.14 3.37 7.88
C SER A 506 29.72 3.74 6.47
N SER A 507 28.44 4.04 6.24
CA SER A 507 28.01 4.46 4.93
C SER A 507 28.17 5.97 4.80
N VAL A 508 28.88 6.39 3.76
CA VAL A 508 29.18 7.80 3.57
C VAL A 508 27.90 8.62 3.41
N ARG A 509 26.92 8.15 2.65
CA ARG A 509 25.75 9.00 2.44
C ARG A 509 24.91 9.13 3.71
N ILE A 510 24.92 8.12 4.57
CA ILE A 510 24.16 8.27 5.81
C ILE A 510 24.88 9.23 6.77
N GLN A 511 26.21 9.09 6.88
CA GLN A 511 26.99 10.01 7.70
C GLN A 511 26.80 11.43 7.21
N ARG A 512 26.94 11.62 5.89
CA ARG A 512 26.76 12.92 5.28
C ARG A 512 25.40 13.52 5.61
N SER A 513 24.34 12.74 5.43
CA SER A 513 23.01 13.30 5.64
C SER A 513 22.77 13.60 7.10
N THR A 514 23.26 12.73 7.99
CA THR A 514 23.18 12.98 9.42
C THR A 514 23.81 14.32 9.77
N LEU A 515 25.03 14.56 9.27
CA LEU A 515 25.70 15.81 9.59
C LEU A 515 24.93 16.98 9.03
N GLU A 516 24.39 16.84 7.80
CA GLU A 516 23.57 17.93 7.27
C GLU A 516 22.37 18.22 8.17
N LEU A 517 21.74 17.16 8.67
CA LEU A 517 20.62 17.31 9.58
C LEU A 517 21.05 18.09 10.82
N ILE A 518 22.15 17.66 11.44
CA ILE A 518 22.60 18.28 12.67
C ILE A 518 22.89 19.75 12.45
N SER A 519 23.49 20.07 11.29
CA SER A 519 23.87 21.44 11.03
C SER A 519 22.65 22.33 10.81
N ASN A 520 21.60 21.81 10.17
CA ASN A 520 20.34 22.54 10.16
C ASN A 520 19.76 22.68 11.55
N LEU A 521 19.95 21.68 12.42
CA LEU A 521 19.39 21.83 13.75
C LEU A 521 20.20 22.78 14.62
N MET A 522 21.43 23.10 14.20
CA MET A 522 22.31 24.04 14.90
C MET A 522 22.18 25.47 14.37
N SER A 523 21.06 25.82 13.75
CA SER A 523 20.83 27.23 13.41
C SER A 523 20.19 28.01 14.56
N ASN A 524 19.66 27.31 15.56
CA ASN A 524 19.13 27.95 16.75
C ASN A 524 19.67 27.17 17.95
N PRO A 525 20.28 27.85 18.91
CA PRO A 525 20.81 27.13 20.07
C PRO A 525 19.80 26.19 20.70
N MET A 526 18.54 26.62 20.80
CA MET A 526 17.55 25.94 21.61
C MET A 526 18.26 25.30 22.77
N ALA A 527 18.18 23.98 22.86
CA ALA A 527 18.97 23.27 23.85
C ALA A 527 19.74 22.10 23.24
N ILE A 528 19.42 21.71 21.99
CA ILE A 528 20.14 20.64 21.30
C ILE A 528 21.63 20.95 21.16
N SER A 529 22.03 22.22 21.19
CA SER A 529 23.44 22.57 21.19
C SER A 529 24.17 21.95 22.38
N ALA A 530 23.49 21.78 23.52
CA ALA A 530 24.12 21.09 24.64
C ALA A 530 24.67 19.73 24.25
N LYS A 531 24.11 19.09 23.20
CA LYS A 531 24.58 17.76 22.82
C LYS A 531 26.04 17.76 22.43
N PHE A 532 26.55 18.91 21.97
CA PHE A 532 27.92 19.00 21.49
C PHE A 532 28.75 20.03 22.22
N PHE A 533 28.15 21.04 22.86
CA PHE A 533 28.87 22.21 23.31
C PHE A 533 28.69 22.50 24.80
N CYS A 534 28.24 21.51 25.57
CA CYS A 534 28.21 21.58 27.03
C CYS A 534 29.46 20.87 27.55
N PHE A 535 30.53 21.63 27.76
CA PHE A 535 31.82 20.98 28.00
C PHE A 535 31.93 20.44 29.41
N GLU A 536 31.10 20.94 30.32
CA GLU A 536 31.04 20.35 31.65
C GLU A 536 30.52 18.92 31.63
N ASN A 537 29.89 18.45 30.53
CA ASN A 537 29.30 17.13 30.49
C ASN A 537 30.19 16.17 29.73
N PRO A 538 30.70 15.12 30.34
CA PRO A 538 31.67 14.25 29.65
C PRO A 538 31.19 13.74 28.30
N LYS A 539 29.92 13.32 28.23
CA LYS A 539 29.38 12.77 26.99
C LYS A 539 29.41 13.81 25.87
N SER A 540 28.97 15.03 26.20
CA SER A 540 28.96 16.09 25.22
C SER A 540 30.39 16.47 24.79
N ALA A 541 31.32 16.55 25.75
CA ALA A 541 32.68 16.91 25.38
C ALA A 541 33.27 15.85 24.48
N GLN A 542 32.89 14.59 24.70
CA GLN A 542 33.39 13.57 23.79
C GLN A 542 32.82 13.75 22.39
N ASN A 543 31.52 14.03 22.30
CA ASN A 543 30.90 14.24 21.00
C ASN A 543 31.53 15.43 20.29
N PHE A 544 31.89 16.46 21.05
CA PHE A 544 32.61 17.59 20.49
C PHE A 544 33.93 17.14 19.86
N GLU A 545 34.71 16.35 20.60
CA GLU A 545 36.01 15.93 20.06
C GLU A 545 35.81 15.12 18.78
N ILE A 546 34.81 14.24 18.78
CA ILE A 546 34.47 13.49 17.58
C ILE A 546 34.21 14.45 16.41
N LEU A 547 33.31 15.41 16.62
CA LEU A 547 32.98 16.35 15.57
C LEU A 547 34.22 17.06 15.03
N VAL A 548 35.10 17.51 15.94
CA VAL A 548 36.32 18.14 15.47
C VAL A 548 37.06 17.20 14.53
N LYS A 549 37.08 15.90 14.84
CA LYS A 549 37.80 15.03 13.91
C LYS A 549 37.05 14.94 12.59
N LEU A 550 35.73 14.94 12.64
CA LEU A 550 34.95 14.85 11.40
C LEU A 550 35.21 15.99 10.47
N LEU A 551 35.79 17.09 10.96
CA LEU A 551 36.19 18.17 10.03
C LEU A 551 37.12 17.66 8.93
N GLU A 552 37.84 16.57 9.16
CA GLU A 552 38.74 16.06 8.14
C GLU A 552 38.17 14.86 7.39
N LEU A 553 36.85 14.67 7.40
CA LEU A 553 36.24 13.58 6.64
C LEU A 553 36.62 13.70 5.17
N HIS A 554 36.78 12.55 4.51
CA HIS A 554 37.08 12.55 3.09
C HIS A 554 35.93 13.07 2.24
N ASP A 555 34.68 12.80 2.59
CA ASP A 555 33.58 13.26 1.74
C ASP A 555 33.39 14.79 1.87
N ILE A 556 33.50 15.52 0.76
CA ILE A 556 33.51 16.98 0.87
C ILE A 556 32.17 17.50 1.36
N GLN A 557 31.07 16.82 1.01
CA GLN A 557 29.76 17.26 1.49
C GLN A 557 29.67 17.10 3.00
N SER A 558 30.14 15.97 3.52
CA SER A 558 30.18 15.80 4.97
C SER A 558 31.03 16.88 5.61
N GLN A 559 32.17 17.17 5.00
CA GLN A 559 33.10 18.14 5.55
C GLN A 559 32.44 19.51 5.63
N ARG A 560 31.81 19.91 4.53
CA ARG A 560 31.06 21.15 4.51
C ARG A 560 30.05 21.20 5.62
N ALA A 561 29.37 20.08 5.88
CA ALA A 561 28.34 20.10 6.91
C ALA A 561 28.96 20.26 8.30
N VAL A 562 30.08 19.59 8.55
CA VAL A 562 30.72 19.69 9.86
C VAL A 562 31.15 21.13 10.08
N ALA A 563 31.77 21.69 9.05
CA ALA A 563 32.21 23.08 9.13
C ALA A 563 31.03 23.99 9.41
N ALA A 564 29.87 23.70 8.81
CA ALA A 564 28.72 24.58 8.99
C ALA A 564 28.17 24.45 10.40
N ILE A 565 28.22 23.25 10.98
CA ILE A 565 27.83 23.13 12.39
C ILE A 565 28.64 24.12 13.24
N PHE A 566 29.98 24.07 13.07
CA PHE A 566 30.83 24.94 13.91
C PHE A 566 30.61 26.41 13.60
N ALA A 567 30.58 26.76 12.30
CA ALA A 567 30.44 28.14 11.88
C ALA A 567 29.08 28.72 12.30
N ASN A 568 28.00 27.96 12.12
CA ASN A 568 26.69 28.40 12.58
C ASN A 568 26.76 28.76 14.06
N ILE A 569 27.17 27.80 14.89
CA ILE A 569 27.07 28.05 16.32
C ILE A 569 28.00 29.20 16.72
N ALA A 570 29.19 29.28 16.12
CA ALA A 570 30.15 30.28 16.57
C ALA A 570 29.75 31.68 16.12
N SER A 571 29.11 31.80 14.97
CA SER A 571 28.66 33.09 14.49
C SER A 571 27.30 33.47 15.06
N THR A 572 26.66 32.57 15.83
CA THR A 572 25.30 32.79 16.31
C THR A 572 25.13 32.80 17.83
N VAL A 573 25.98 32.12 18.60
CA VAL A 573 25.81 32.00 20.04
C VAL A 573 27.10 32.47 20.72
N PRO A 574 27.17 33.74 21.12
CA PRO A 574 28.44 34.28 21.63
C PRO A 574 29.01 33.56 22.84
N PHE A 575 28.19 33.10 23.79
CA PHE A 575 28.71 32.26 24.87
C PHE A 575 29.50 31.05 24.32
N ILE A 576 28.87 30.29 23.42
CA ILE A 576 29.53 29.12 22.86
C ILE A 576 30.75 29.53 22.06
N CYS A 577 30.68 30.68 21.37
CA CYS A 577 31.81 31.10 20.57
C CYS A 577 33.02 31.41 21.46
N LYS A 578 32.78 32.04 22.62
CA LYS A 578 33.86 32.25 23.59
C LYS A 578 34.47 30.93 24.03
N GLU A 579 33.62 29.93 24.30
CA GLU A 579 34.18 28.64 24.71
C GLU A 579 34.99 27.99 23.58
N LEU A 580 34.43 27.95 22.36
CA LEU A 580 35.13 27.36 21.22
C LEU A 580 36.48 28.02 21.00
N SER A 581 36.57 29.34 21.22
CA SER A 581 37.82 30.03 20.97
C SER A 581 38.98 29.47 21.82
N GLU A 582 38.68 28.71 22.88
CA GLU A 582 39.73 28.16 23.74
C GLU A 582 40.09 26.71 23.39
N LYS A 583 39.46 26.14 22.36
CA LYS A 583 39.58 24.70 22.06
C LYS A 583 40.62 24.52 20.97
N ARG A 584 41.87 24.31 21.37
CA ARG A 584 42.96 24.36 20.40
C ARG A 584 42.82 23.29 19.32
N ASN A 585 42.30 22.11 19.65
CA ASN A 585 42.14 21.07 18.63
C ASN A 585 41.22 21.55 17.51
N LEU A 586 40.16 22.28 17.85
CA LEU A 586 39.29 22.81 16.81
C LEU A 586 40.03 23.79 15.92
N ILE A 587 40.75 24.75 16.54
CA ILE A 587 41.40 25.81 15.77
C ILE A 587 42.48 25.24 14.87
N GLU A 588 43.30 24.34 15.41
CA GLU A 588 44.34 23.71 14.62
C GLU A 588 43.74 22.90 13.48
N THR A 589 42.66 22.15 13.76
CA THR A 589 42.08 21.36 12.70
C THR A 589 41.48 22.26 11.63
N ALA A 590 40.82 23.33 12.04
CA ALA A 590 40.19 24.23 11.07
C ALA A 590 41.24 24.89 10.21
N ILE A 591 42.37 25.27 10.80
CA ILE A 591 43.44 25.88 10.03
C ILE A 591 44.07 24.87 9.08
N ARG A 592 44.21 23.62 9.54
CA ARG A 592 44.84 22.61 8.69
C ARG A 592 43.97 22.37 7.46
N VAL A 593 42.65 22.29 7.67
CA VAL A 593 41.72 22.06 6.57
C VAL A 593 41.69 23.27 5.66
N PHE A 594 41.82 24.48 6.23
CA PHE A 594 41.85 25.68 5.40
C PHE A 594 43.11 25.74 4.54
N LYS A 595 44.26 25.41 5.12
CA LYS A 595 45.50 25.36 4.35
C LYS A 595 45.39 24.40 3.17
N THR A 596 44.91 23.17 3.42
CA THR A 596 44.98 22.15 2.37
C THR A 596 43.75 22.12 1.45
N GLN A 597 42.63 22.75 1.80
CA GLN A 597 41.42 22.57 1.00
C GLN A 597 40.64 23.85 0.76
N ASN A 598 41.32 24.99 0.73
CA ASN A 598 40.60 26.26 0.61
C ASN A 598 40.00 26.51 -0.78
N THR A 599 40.36 25.74 -1.80
CA THR A 599 39.77 26.01 -3.11
C THR A 599 38.34 25.51 -3.26
N ASP A 600 37.75 24.89 -2.24
CA ASP A 600 36.31 24.62 -2.27
C ASP A 600 35.60 25.79 -1.61
N THR A 601 34.54 26.28 -2.23
CA THR A 601 34.07 27.60 -1.83
C THR A 601 33.23 27.55 -0.56
N ASP A 602 32.25 26.66 -0.50
CA ASP A 602 31.46 26.55 0.72
C ASP A 602 32.34 26.24 1.92
N LEU A 603 33.27 25.30 1.77
CA LEU A 603 34.12 24.92 2.89
C LEU A 603 35.01 26.08 3.33
N ARG A 604 35.62 26.76 2.36
CA ARG A 604 36.45 27.92 2.69
C ARG A 604 35.64 28.96 3.44
N ILE A 605 34.48 29.33 2.88
CA ILE A 605 33.65 30.34 3.52
C ILE A 605 33.33 29.96 4.95
N ARG A 606 32.88 28.71 5.16
CA ARG A 606 32.47 28.30 6.50
C ARG A 606 33.66 28.29 7.46
N LEU A 607 34.82 27.85 6.99
CA LEU A 607 35.99 27.87 7.87
C LEU A 607 36.41 29.29 8.19
N LEU A 608 36.23 30.21 7.24
CA LEU A 608 36.58 31.60 7.53
C LEU A 608 35.60 32.20 8.53
N VAL A 609 34.31 31.89 8.42
CA VAL A 609 33.35 32.40 9.39
C VAL A 609 33.66 31.84 10.78
N LEU A 610 33.99 30.54 10.85
CA LEU A 610 34.34 29.98 12.14
C LEU A 610 35.59 30.64 12.70
N LEU A 611 36.64 30.72 11.89
CA LEU A 611 37.93 31.19 12.38
C LEU A 611 37.85 32.64 12.79
N SER A 612 37.13 33.46 12.02
CA SER A 612 37.03 34.87 12.34
C SER A 612 36.15 35.11 13.56
N SER A 613 35.06 34.35 13.72
CA SER A 613 34.31 34.47 14.97
C SER A 613 35.20 34.15 16.16
N ILE A 614 35.93 33.03 16.06
CA ILE A 614 36.82 32.64 17.15
C ILE A 614 37.85 33.73 17.42
N PHE A 615 38.47 34.25 16.37
CA PHE A 615 39.56 35.18 16.58
C PHE A 615 39.04 36.50 17.13
N ASN A 616 37.93 37.02 16.60
CA ASN A 616 37.31 38.19 17.19
C ASN A 616 36.94 37.98 18.66
N ALA A 617 36.68 36.74 19.07
CA ALA A 617 36.33 36.58 20.48
C ALA A 617 37.54 36.37 21.39
N ASN A 618 38.76 36.26 20.85
CA ASN A 618 39.87 35.78 21.66
C ASN A 618 41.19 36.19 21.03
N ALA A 619 41.78 37.28 21.54
CA ALA A 619 43.04 37.75 20.97
C ALA A 619 44.19 36.80 21.25
N HIS A 620 44.09 36.00 22.33
CA HIS A 620 45.15 35.02 22.62
C HIS A 620 45.13 33.86 21.62
N ALA A 621 43.95 33.49 21.10
CA ALA A 621 43.90 32.55 19.98
C ALA A 621 44.62 33.11 18.76
N VAL A 622 44.42 34.41 18.48
CA VAL A 622 45.13 35.03 17.37
C VAL A 622 46.63 34.99 17.59
N ALA A 623 47.05 35.34 18.80
CA ALA A 623 48.49 35.31 19.11
C ALA A 623 49.07 33.91 18.93
N CYS A 624 48.25 32.88 19.14
CA CYS A 624 48.74 31.52 18.91
C CYS A 624 49.23 31.31 17.48
N VAL A 625 48.49 31.82 16.50
CA VAL A 625 48.76 31.45 15.11
C VAL A 625 49.46 32.56 14.35
N LYS A 626 49.93 33.60 15.04
CA LYS A 626 50.52 34.76 14.38
C LYS A 626 51.79 34.43 13.61
N ASN A 627 52.41 33.29 13.85
CA ASN A 627 53.65 32.92 13.18
C ASN A 627 53.48 31.76 12.21
N ASP A 628 52.24 31.34 11.93
CA ASP A 628 51.99 30.34 10.90
C ASP A 628 52.05 31.03 9.54
N GLU A 629 53.22 31.00 8.91
CA GLU A 629 53.40 31.79 7.69
C GLU A 629 52.58 31.23 6.53
N GLU A 630 52.45 29.90 6.46
CA GLU A 630 51.63 29.29 5.42
C GLU A 630 50.16 29.69 5.55
N PHE A 631 49.68 29.78 6.79
CA PHE A 631 48.32 30.27 7.03
C PHE A 631 48.18 31.71 6.58
N VAL A 632 49.19 32.52 6.87
CA VAL A 632 49.18 33.93 6.48
C VAL A 632 49.11 34.05 4.97
N LYS A 633 49.94 33.29 4.25
CA LYS A 633 49.93 33.52 2.80
C LYS A 633 48.74 32.85 2.12
N GLU A 634 48.13 31.80 2.68
CA GLU A 634 46.84 31.37 2.12
C GLU A 634 45.78 32.45 2.34
N LEU A 635 45.77 33.05 3.53
CA LEU A 635 44.79 34.13 3.82
C LEU A 635 45.00 35.28 2.81
N GLN A 636 46.26 35.66 2.58
CA GLN A 636 46.57 36.80 1.68
C GLN A 636 46.08 36.46 0.26
N LYS A 637 46.25 35.23 -0.18
CA LYS A 637 45.84 34.80 -1.55
C LYS A 637 44.36 35.12 -1.77
N TYR A 638 43.53 34.91 -0.76
CA TYR A 638 42.06 35.11 -0.92
C TYR A 638 41.67 36.54 -0.60
N ARG A 639 42.44 37.21 0.27
CA ARG A 639 42.15 38.64 0.53
C ARG A 639 42.16 39.36 -0.83
N ASN A 640 42.56 38.65 -1.88
CA ASN A 640 42.66 39.28 -3.21
C ASN A 640 41.34 39.15 -3.94
N THR A 641 41.19 38.13 -4.78
CA THR A 641 39.95 38.11 -5.58
C THR A 641 39.26 36.76 -5.64
N PRO A 642 38.41 36.42 -4.65
CA PRO A 642 37.55 35.24 -4.76
C PRO A 642 36.64 35.36 -5.99
N SER A 643 36.27 34.22 -6.58
CA SER A 643 35.33 34.23 -7.73
C SER A 643 33.93 33.95 -7.22
N GLN A 644 32.96 33.77 -8.12
CA GLN A 644 31.64 33.37 -7.65
C GLN A 644 30.99 34.41 -6.74
N LYS A 645 29.77 34.08 -6.31
CA LYS A 645 29.04 34.89 -5.33
C LYS A 645 29.72 34.72 -3.99
N ASP A 646 30.77 35.51 -3.75
CA ASP A 646 31.64 35.29 -2.60
C ASP A 646 32.29 36.58 -2.11
N PRO A 647 31.51 37.47 -1.46
CA PRO A 647 32.11 38.64 -0.79
C PRO A 647 32.82 38.28 0.51
N LEU A 648 32.32 37.21 1.14
CA LEU A 648 32.80 36.85 2.45
C LEU A 648 34.26 36.42 2.41
N THR A 649 34.70 35.74 1.36
CA THR A 649 36.08 35.28 1.35
C THR A 649 37.07 36.44 1.52
N PRO A 650 37.04 37.50 0.70
CA PRO A 650 37.96 38.61 0.95
C PRO A 650 37.69 39.28 2.27
N GLU A 651 36.41 39.55 2.57
CA GLU A 651 36.10 40.27 3.80
C GLU A 651 36.73 39.58 5.01
N LEU A 652 36.51 38.28 5.14
CA LEU A 652 36.95 37.55 6.33
C LEU A 652 38.44 37.30 6.31
N SER A 653 39.05 37.08 5.14
CA SER A 653 40.51 37.04 5.08
C SER A 653 41.11 38.37 5.54
N LYS A 654 40.52 39.50 5.10
CA LYS A 654 40.97 40.81 5.57
C LYS A 654 40.87 40.91 7.09
N GLU A 655 39.71 40.59 7.66
CA GLU A 655 39.57 40.66 9.12
C GLU A 655 40.64 39.84 9.82
N ILE A 656 40.85 38.60 9.39
CA ILE A 656 41.77 37.72 10.11
C ILE A 656 43.20 38.26 10.00
N LEU A 657 43.64 38.60 8.79
CA LEU A 657 44.95 39.23 8.67
C LEU A 657 45.07 40.48 9.52
N SER A 658 43.99 41.24 9.66
CA SER A 658 44.03 42.43 10.49
C SER A 658 44.28 42.08 11.96
N LEU A 659 43.62 41.03 12.46
CA LEU A 659 43.88 40.60 13.84
C LEU A 659 45.34 40.15 14.00
N ILE A 660 45.86 39.44 13.01
CA ILE A 660 47.24 38.98 13.13
C ILE A 660 48.18 40.18 13.15
N ASN A 661 47.89 41.19 12.32
CA ASN A 661 48.65 42.44 12.32
C ASN A 661 48.68 43.05 13.71
N LEU A 662 47.48 43.25 14.29
CA LEU A 662 47.34 43.63 15.68
C LEU A 662 48.36 42.92 16.55
N GLU A 663 48.46 41.60 16.42
CA GLU A 663 49.34 40.84 17.30
C GLU A 663 50.82 41.04 16.96
N HIS A 664 51.13 41.45 15.75
CA HIS A 664 52.58 41.50 15.39
C HIS A 664 53.12 42.90 15.70
N HIS A 665 52.27 43.91 15.60
CA HIS A 665 52.70 45.30 15.89
C HIS A 665 52.94 45.45 17.40
#